data_4E15
#
_entry.id   4E15
#
_cell.length_a   71.602
_cell.length_b   76.021
_cell.length_c   210.377
_cell.angle_alpha   90.00
_cell.angle_beta   90.00
_cell.angle_gamma   90.00
#
_symmetry.space_group_name_H-M   'C 2 2 21'
#
loop_
_entity.id
_entity.type
_entity.pdbx_description
1 polymer 'kynurenine formamidase'
2 non-polymer 1,2-ETHANEDIOL
3 water water
#
_entity_poly.entity_id   1
_entity_poly.type   'polypeptide(L)'
_entity_poly.pdbx_seq_one_letter_code
;AGHMYNPRCKDLDRDYFPSYHTTRFQDQPEPNLAVLEHFVRVTKQHGRELTEKQGITVDHLRYGEGRQLVDVFYSEKTTN
QAPLFVFVHGGYWQEMDMSMSCSIVGPLVRRGYRVAVMDYNLCPQVTLEQLMTQFTHFLNWIFDYTEMTKVSSLTFAGH
(SEB)AGAHLLAQILMRPNVITAQRSKMVWALIFLCGVYDLRELSNLESVNPKNILGLNERNIESVSPMLWEYTDVTVWN
STKIYVVAAEHDSTTFIEQSRHYADVLRKKGYKASFTLFKGYDHFDIIEETAIDDSDVSRFLRNIEIE
;
_entity_poly.pdbx_strand_id   A,B
#
loop_
_chem_comp.id
_chem_comp.type
_chem_comp.name
_chem_comp.formula
EDO non-polymer 1,2-ETHANEDIOL 'C2 H6 O2'
#
# COMPACT_ATOMS: atom_id res chain seq x y z
N ALA A 1 15.89 -15.71 1.28
CA ALA A 1 14.88 -14.76 0.71
C ALA A 1 14.37 -13.73 1.76
N GLY A 2 14.58 -14.02 3.05
CA GLY A 2 14.26 -13.04 4.12
C GLY A 2 12.78 -12.75 4.20
N HIS A 3 12.45 -11.55 4.67
CA HIS A 3 11.04 -11.31 5.00
C HIS A 3 10.57 -9.94 4.55
N MET A 4 9.35 -9.54 4.92
CA MET A 4 8.71 -8.46 4.17
C MET A 4 9.36 -7.06 4.34
N TYR A 5 10.04 -6.85 5.48
CA TYR A 5 10.69 -5.59 5.77
C TYR A 5 12.17 -5.80 6.04
N ASN A 6 12.71 -6.94 5.63
CA ASN A 6 14.12 -7.23 5.84
C ASN A 6 14.53 -8.36 4.91
N PRO A 7 15.15 -8.01 3.77
CA PRO A 7 15.33 -9.10 2.81
C PRO A 7 16.46 -10.05 3.19
N ARG A 8 17.19 -9.74 4.25
CA ARG A 8 18.24 -10.58 4.75
C ARG A 8 17.93 -11.16 6.16
N CYS A 9 16.65 -11.19 6.52
CA CYS A 9 16.38 -11.64 7.86
C CYS A 9 16.71 -13.12 8.06
N LYS A 10 17.42 -13.40 9.17
CA LYS A 10 17.86 -14.75 9.60
C LYS A 10 16.96 -15.35 10.65
N ASP A 11 16.07 -14.54 11.21
CA ASP A 11 15.30 -15.05 12.39
C ASP A 11 14.12 -14.07 12.51
N LEU A 12 12.95 -14.45 11.97
CA LEU A 12 11.85 -13.50 11.94
C LEU A 12 11.32 -13.12 13.33
N ASP A 13 11.26 -14.08 14.23
CA ASP A 13 10.80 -13.80 15.57
C ASP A 13 11.75 -12.77 16.20
N ARG A 14 13.09 -12.95 16.05
CA ARG A 14 14.03 -11.98 16.61
C ARG A 14 13.82 -10.58 15.99
N ASP A 15 13.48 -10.51 14.70
CA ASP A 15 13.29 -9.18 14.06
C ASP A 15 12.06 -8.44 14.62
N TYR A 16 11.17 -9.17 15.29
CA TYR A 16 10.03 -8.51 15.88
C TYR A 16 10.20 -8.28 17.36
N PHE A 17 11.38 -8.56 17.93
CA PHE A 17 11.63 -8.21 19.32
C PHE A 17 12.76 -7.25 19.45
N PRO A 18 12.41 -5.94 19.63
CA PRO A 18 13.43 -4.90 19.66
C PRO A 18 14.49 -5.10 20.70
N SER A 19 14.20 -5.77 21.80
CA SER A 19 15.18 -6.02 22.84
C SER A 19 16.45 -6.70 22.41
N TYR A 20 16.38 -7.45 21.31
CA TYR A 20 17.57 -8.16 20.84
C TYR A 20 18.47 -7.29 20.05
N HIS A 21 18.15 -6.02 19.90
CA HIS A 21 18.92 -5.21 18.91
C HIS A 21 19.68 -4.05 19.52
N THR A 22 19.66 -3.98 20.83
CA THR A 22 20.42 -2.88 21.54
C THR A 22 21.92 -3.06 21.45
N THR A 23 22.68 -1.99 21.68
CA THR A 23 24.10 -2.08 21.87
C THR A 23 24.42 -1.98 23.35
N ARG A 24 23.40 -1.88 24.19
CA ARG A 24 23.64 -1.76 25.63
C ARG A 24 23.70 -3.12 26.29
N PHE A 25 24.20 -3.13 27.52
CA PHE A 25 24.15 -4.37 28.36
C PHE A 25 24.91 -5.57 27.79
N GLN A 26 25.93 -5.29 26.99
CA GLN A 26 26.72 -6.34 26.36
C GLN A 26 27.66 -7.02 27.40
N ASP A 27 27.85 -6.42 28.57
CA ASP A 27 28.54 -7.10 29.66
C ASP A 27 27.67 -8.20 30.32
N GLN A 28 26.40 -8.33 29.92
CA GLN A 28 25.48 -9.29 30.55
C GLN A 28 25.37 -10.55 29.69
N PRO A 29 25.04 -11.73 30.29
CA PRO A 29 24.98 -12.91 29.40
C PRO A 29 23.78 -12.90 28.45
N GLU A 30 22.66 -12.25 28.85
CA GLU A 30 21.58 -12.03 27.90
C GLU A 30 21.16 -10.58 27.89
N PRO A 31 21.74 -9.81 26.96
CA PRO A 31 21.50 -8.38 26.95
C PRO A 31 20.02 -8.10 26.73
N ASN A 32 19.28 -8.93 25.97
CA ASN A 32 17.88 -8.67 25.75
C ASN A 32 17.04 -8.65 27.04
N LEU A 33 17.39 -9.55 27.93
CA LEU A 33 16.66 -9.61 29.22
C LEU A 33 17.08 -8.41 30.04
N ALA A 34 18.37 -8.03 29.99
CA ALA A 34 18.85 -6.94 30.85
C ALA A 34 18.27 -5.59 30.41
N VAL A 35 18.15 -5.37 29.11
CA VAL A 35 17.51 -4.13 28.65
C VAL A 35 16.06 -3.99 29.12
N LEU A 36 15.30 -5.09 29.12
CA LEU A 36 13.94 -4.99 29.54
C LEU A 36 13.85 -4.79 31.08
N GLU A 37 14.67 -5.53 31.84
CA GLU A 37 14.71 -5.37 33.29
C GLU A 37 15.06 -3.95 33.61
N HIS A 38 16.04 -3.35 32.93
CA HIS A 38 16.42 -1.97 33.21
C HIS A 38 15.29 -1.02 32.81
N PHE A 39 14.63 -1.29 31.68
CA PHE A 39 13.61 -0.38 31.21
C PHE A 39 12.47 -0.31 32.21
N VAL A 40 12.04 -1.45 32.69
CA VAL A 40 10.93 -1.45 33.66
C VAL A 40 11.35 -0.74 34.93
N ARG A 41 12.52 -1.11 35.46
CA ARG A 41 12.97 -0.47 36.71
C ARG A 41 13.10 1.06 36.56
N VAL A 42 13.76 1.54 35.50
CA VAL A 42 14.01 2.96 35.46
C VAL A 42 12.79 3.76 35.09
N THR A 43 11.93 3.24 34.21
CA THR A 43 10.69 3.99 33.95
C THR A 43 9.82 4.08 35.21
N LYS A 44 9.77 2.99 35.96
CA LYS A 44 8.96 3.05 37.21
C LYS A 44 9.51 4.09 38.13
N GLN A 45 10.83 4.17 38.25
CA GLN A 45 11.46 5.19 39.08
C GLN A 45 11.12 6.61 38.55
N HIS A 46 11.17 6.85 37.21
CA HIS A 46 10.79 8.12 36.66
C HIS A 46 9.37 8.52 37.07
N GLY A 47 8.46 7.53 37.09
CA GLY A 47 7.03 7.80 37.40
C GLY A 47 6.95 8.24 38.86
N ARG A 48 7.63 7.51 39.75
CA ARG A 48 7.60 7.90 41.18
C ARG A 48 8.18 9.29 41.37
N GLU A 49 9.26 9.66 40.66
CA GLU A 49 9.96 10.89 40.93
C GLU A 49 9.17 12.13 40.55
N LEU A 50 8.19 11.98 39.66
CA LEU A 50 7.43 13.15 39.22
C LEU A 50 6.76 13.82 40.44
N THR A 51 6.17 12.98 41.30
CA THR A 51 5.51 13.59 42.48
C THR A 51 6.44 13.51 43.69
N GLU A 52 7.36 12.55 43.77
CA GLU A 52 8.24 12.46 45.00
C GLU A 52 9.32 13.49 45.00
N LYS A 53 9.82 13.91 43.82
CA LYS A 53 10.94 14.83 43.69
C LYS A 53 10.71 16.08 42.86
N GLN A 54 9.93 15.98 41.77
CA GLN A 54 9.90 17.08 40.84
C GLN A 54 8.76 18.08 41.01
N GLY A 55 7.95 17.85 42.05
CA GLY A 55 6.90 18.85 42.37
C GLY A 55 5.77 18.94 41.37
N ILE A 56 5.52 17.80 40.69
CA ILE A 56 4.52 17.74 39.67
C ILE A 56 3.23 17.19 40.29
N THR A 57 2.09 17.75 39.84
CA THR A 57 0.75 17.33 40.31
C THR A 57 0.19 16.28 39.34
N VAL A 58 -0.61 15.36 39.83
CA VAL A 58 -1.28 14.42 38.95
C VAL A 58 -2.77 14.38 39.32
N ASP A 59 -3.60 14.43 38.29
CA ASP A 59 -5.00 14.02 38.43
C ASP A 59 -5.18 12.58 37.92
N HIS A 60 -5.69 11.69 38.77
CA HIS A 60 -5.91 10.30 38.41
C HIS A 60 -7.33 10.12 37.88
N LEU A 61 -7.51 10.01 36.58
CA LEU A 61 -8.84 9.98 35.94
C LEU A 61 -9.15 8.62 35.36
N ARG A 62 -10.44 8.36 35.16
CA ARG A 62 -10.92 7.15 34.53
C ARG A 62 -11.74 7.54 33.36
N TYR A 63 -11.41 7.00 32.15
CA TYR A 63 -12.20 7.23 30.94
C TYR A 63 -13.11 6.07 30.48
N GLY A 64 -12.89 4.94 31.12
CA GLY A 64 -13.70 3.74 30.84
C GLY A 64 -13.52 2.66 31.89
N GLU A 65 -14.09 1.49 31.61
CA GLU A 65 -13.93 0.37 32.52
C GLU A 65 -12.56 -0.26 32.42
N GLY A 66 -12.20 -1.05 33.40
CA GLY A 66 -10.92 -1.78 33.35
C GLY A 66 -9.72 -0.89 33.43
N ARG A 67 -8.79 -1.09 32.47
CA ARG A 67 -7.58 -0.33 32.50
C ARG A 67 -7.68 0.96 31.73
N GLN A 68 -8.91 1.40 31.38
CA GLN A 68 -9.10 2.67 30.68
C GLN A 68 -8.96 3.84 31.66
N LEU A 69 -7.71 4.11 32.06
CA LEU A 69 -7.32 5.16 32.99
C LEU A 69 -6.47 6.22 32.28
N VAL A 70 -6.43 7.43 32.83
CA VAL A 70 -5.52 8.42 32.30
C VAL A 70 -5.06 9.30 33.40
N ASP A 71 -3.75 9.47 33.53
CA ASP A 71 -3.17 10.35 34.54
C ASP A 71 -2.83 11.62 33.83
N VAL A 72 -3.21 12.80 34.35
CA VAL A 72 -2.93 14.06 33.76
C VAL A 72 -2.02 14.85 34.69
N PHE A 73 -0.84 15.21 34.18
CA PHE A 73 0.23 15.82 34.98
C PHE A 73 0.35 17.28 34.60
N TYR A 74 0.70 18.09 35.59
CA TYR A 74 0.85 19.53 35.45
C TYR A 74 1.57 20.05 36.70
N SER A 75 1.75 21.35 36.74
CA SER A 75 2.36 21.94 37.94
C SER A 75 1.60 23.20 38.30
N GLU A 76 2.12 23.84 39.31
CA GLU A 76 1.60 25.16 39.63
C GLU A 76 1.96 26.23 38.61
N LYS A 77 2.80 25.96 37.64
CA LYS A 77 3.09 26.91 36.58
C LYS A 77 2.17 26.76 35.36
N THR A 78 1.45 25.64 35.25
CA THR A 78 0.63 25.38 34.06
C THR A 78 -0.51 26.34 33.90
N THR A 79 -0.71 26.86 32.71
CA THR A 79 -1.82 27.78 32.43
C THR A 79 -3.14 27.07 32.17
N ASN A 80 -4.25 27.78 32.34
CA ASN A 80 -5.58 27.15 32.16
C ASN A 80 -5.74 26.58 30.76
N GLN A 81 -5.15 27.24 29.74
CA GLN A 81 -5.36 26.80 28.35
C GLN A 81 -4.06 26.18 27.81
N ALA A 82 -3.22 25.68 28.73
CA ALA A 82 -1.98 24.99 28.37
C ALA A 82 -2.33 23.90 27.34
N PRO A 83 -1.45 23.67 26.37
CA PRO A 83 -1.61 22.54 25.42
C PRO A 83 -1.44 21.24 26.12
N LEU A 84 -2.04 20.23 25.51
CA LEU A 84 -2.06 18.85 26.08
C LEU A 84 -1.21 17.95 25.19
N PHE A 85 -0.23 17.32 25.81
CA PHE A 85 0.59 16.24 25.18
C PHE A 85 0.03 14.93 25.66
N VAL A 86 -0.37 14.05 24.74
CA VAL A 86 -0.99 12.75 25.06
C VAL A 86 0.01 11.67 24.66
N PHE A 87 0.42 10.84 25.61
CA PHE A 87 1.37 9.76 25.33
C PHE A 87 0.66 8.42 25.45
N VAL A 88 0.85 7.61 24.41
CA VAL A 88 0.27 6.28 24.27
C VAL A 88 1.35 5.20 24.31
N HIS A 89 1.47 4.42 25.36
CA HIS A 89 2.56 3.52 25.58
C HIS A 89 2.49 2.28 24.70
N GLY A 90 3.62 1.59 24.69
CA GLY A 90 3.77 0.34 23.94
C GLY A 90 3.58 -0.88 24.75
N GLY A 91 4.21 -1.96 24.35
CA GLY A 91 4.04 -3.26 24.97
C GLY A 91 3.33 -4.31 24.13
N TYR A 92 3.33 -4.24 22.79
CA TYR A 92 2.75 -5.21 21.95
C TYR A 92 1.28 -5.59 22.24
N TRP A 93 0.57 -4.60 22.73
CA TRP A 93 -0.87 -4.74 23.06
C TRP A 93 -1.08 -5.76 24.14
N GLN A 94 -0.03 -6.14 24.84
CA GLN A 94 -0.15 -7.30 25.78
C GLN A 94 0.54 -7.09 27.10
N GLU A 95 1.28 -6.02 27.26
CA GLU A 95 2.00 -5.71 28.46
C GLU A 95 2.26 -4.21 28.58
N MET A 96 2.91 -3.80 29.68
CA MET A 96 3.16 -2.40 30.10
C MET A 96 1.94 -1.73 30.66
N ASP A 97 2.14 -0.75 31.54
CA ASP A 97 1.08 0.02 32.08
C ASP A 97 1.49 1.45 32.37
N MET A 98 0.59 2.23 32.91
CA MET A 98 0.87 3.65 33.17
C MET A 98 2.15 3.83 34.00
N SER A 99 2.41 2.93 34.96
CA SER A 99 3.58 3.07 35.84
C SER A 99 4.93 3.07 35.11
N MET A 100 4.97 2.49 33.90
CA MET A 100 6.21 2.41 33.11
C MET A 100 6.20 3.47 32.01
N SER A 101 5.20 4.34 31.95
CA SER A 101 4.90 5.18 30.76
C SER A 101 5.05 6.68 31.01
N CYS A 102 5.67 7.07 32.13
CA CYS A 102 5.66 8.48 32.48
C CYS A 102 7.02 9.16 32.38
N SER A 103 8.01 8.47 31.79
CA SER A 103 9.34 9.11 31.60
C SER A 103 9.23 10.45 30.91
N ILE A 104 8.32 10.52 29.93
CA ILE A 104 8.25 11.69 29.03
C ILE A 104 7.68 12.96 29.73
N VAL A 105 7.03 12.78 30.90
CA VAL A 105 6.24 13.85 31.48
C VAL A 105 7.07 15.08 31.93
N GLY A 106 8.15 14.84 32.67
CA GLY A 106 8.76 15.91 33.45
C GLY A 106 9.19 17.10 32.58
N PRO A 107 9.99 16.89 31.52
CA PRO A 107 10.44 18.04 30.74
C PRO A 107 9.28 18.78 30.03
N LEU A 108 8.26 18.03 29.60
CA LEU A 108 7.13 18.68 29.00
C LEU A 108 6.42 19.61 30.02
N VAL A 109 6.17 19.09 31.20
CA VAL A 109 5.52 19.89 32.24
C VAL A 109 6.36 21.12 32.55
N ARG A 110 7.69 20.95 32.59
CA ARG A 110 8.56 22.12 32.85
C ARG A 110 8.49 23.12 31.75
N ARG A 111 8.05 22.72 30.55
CA ARG A 111 7.88 23.66 29.45
C ARG A 111 6.46 24.25 29.31
N GLY A 112 5.58 23.87 30.22
CA GLY A 112 4.22 24.45 30.23
C GLY A 112 3.12 23.58 29.64
N TYR A 113 3.45 22.34 29.24
CA TYR A 113 2.44 21.40 28.85
C TYR A 113 1.70 20.79 30.00
N ARG A 114 0.40 20.44 29.74
CA ARG A 114 -0.28 19.40 30.52
C ARG A 114 0.05 18.10 29.84
N VAL A 115 0.27 17.02 30.57
CA VAL A 115 0.58 15.73 29.89
C VAL A 115 -0.38 14.64 30.35
N ALA A 116 -1.03 13.99 29.39
CA ALA A 116 -1.91 12.88 29.66
C ALA A 116 -1.19 11.60 29.33
N VAL A 117 -0.98 10.79 30.32
CA VAL A 117 -0.44 9.45 30.11
C VAL A 117 -1.54 8.46 30.30
N MET A 118 -1.90 7.82 29.22
CA MET A 118 -3.07 6.97 29.21
C MET A 118 -2.73 5.50 29.36
N ASP A 119 -3.69 4.72 29.82
CA ASP A 119 -3.57 3.26 29.76
C ASP A 119 -4.75 2.69 29.01
N TYR A 120 -4.69 1.40 28.69
CA TYR A 120 -5.69 0.72 27.94
C TYR A 120 -5.75 -0.75 28.33
N ASN A 121 -6.89 -1.37 28.03
CA ASN A 121 -7.03 -2.81 28.22
C ASN A 121 -6.12 -3.56 27.29
N LEU A 122 -5.62 -4.69 27.75
CA LEU A 122 -4.66 -5.50 26.96
C LEU A 122 -5.29 -6.72 26.36
N CYS A 123 -4.73 -7.19 25.25
CA CYS A 123 -4.97 -8.52 24.71
C CYS A 123 -4.30 -9.55 25.67
N PRO A 124 -5.00 -10.69 25.95
CA PRO A 124 -6.21 -11.21 25.29
C PRO A 124 -7.57 -10.85 25.87
N GLN A 125 -7.57 -10.08 26.92
CA GLN A 125 -8.86 -9.65 27.56
C GLN A 125 -9.71 -8.90 26.52
N VAL A 126 -9.05 -8.03 25.73
CA VAL A 126 -9.70 -7.48 24.54
C VAL A 126 -9.02 -8.06 23.33
N THR A 127 -9.73 -8.25 22.23
CA THR A 127 -9.10 -8.52 20.94
C THR A 127 -8.40 -7.21 20.53
N LEU A 128 -7.51 -7.28 19.51
CA LEU A 128 -6.92 -6.07 19.02
C LEU A 128 -7.98 -5.14 18.40
N GLU A 129 -8.95 -5.70 17.72
CA GLU A 129 -10.02 -4.87 17.19
C GLU A 129 -10.83 -4.18 18.29
N GLN A 130 -11.11 -4.91 19.36
CA GLN A 130 -11.78 -4.23 20.49
C GLN A 130 -10.92 -3.18 21.13
N LEU A 131 -9.60 -3.41 21.29
CA LEU A 131 -8.69 -2.37 21.83
C LEU A 131 -8.77 -1.12 20.91
N MET A 132 -8.68 -1.36 19.59
CA MET A 132 -8.77 -0.24 18.67
C MET A 132 -10.12 0.57 18.85
N THR A 133 -11.22 -0.16 19.05
CA THR A 133 -12.52 0.52 19.31
C THR A 133 -12.48 1.33 20.64
N GLN A 134 -11.90 0.74 21.70
CA GLN A 134 -11.72 1.45 22.95
C GLN A 134 -10.79 2.65 22.79
N PHE A 135 -9.79 2.50 21.90
CA PHE A 135 -8.97 3.65 21.68
C PHE A 135 -9.70 4.80 20.95
N THR A 136 -10.64 4.47 20.05
CA THR A 136 -11.47 5.52 19.42
C THR A 136 -12.26 6.19 20.54
N HIS A 137 -12.76 5.43 21.50
CA HIS A 137 -13.44 6.03 22.66
C HIS A 137 -12.48 6.96 23.42
N PHE A 138 -11.26 6.50 23.66
CA PHE A 138 -10.31 7.37 24.33
C PHE A 138 -10.11 8.69 23.52
N LEU A 139 -9.94 8.60 22.19
CA LEU A 139 -9.78 9.83 21.43
C LEU A 139 -10.97 10.79 21.56
N ASN A 140 -12.17 10.21 21.57
CA ASN A 140 -13.35 11.07 21.72
C ASN A 140 -13.36 11.71 23.12
N TRP A 141 -13.00 10.92 24.11
CA TRP A 141 -12.96 11.42 25.46
C TRP A 141 -11.91 12.48 25.67
N ILE A 142 -10.69 12.29 25.11
CA ILE A 142 -9.69 13.29 25.23
C ILE A 142 -9.97 14.57 24.51
N PHE A 143 -10.62 14.53 23.35
CA PHE A 143 -11.04 15.73 22.70
C PHE A 143 -12.20 16.40 23.48
N ASP A 144 -13.09 15.64 24.11
CA ASP A 144 -14.10 16.29 24.98
C ASP A 144 -13.42 16.99 26.13
N TYR A 145 -12.38 16.38 26.72
CA TYR A 145 -11.67 16.97 27.83
C TYR A 145 -10.99 18.25 27.41
N THR A 146 -10.34 18.26 26.22
CA THR A 146 -9.64 19.44 25.85
C THR A 146 -10.57 20.55 25.45
N GLU A 147 -11.75 20.22 24.94
CA GLU A 147 -12.79 21.19 24.60
C GLU A 147 -13.35 21.85 25.86
N MET A 148 -13.59 21.04 26.92
CA MET A 148 -14.11 21.51 28.23
C MET A 148 -13.13 22.40 28.89
N THR A 149 -11.84 22.10 28.71
CA THR A 149 -10.80 22.80 29.42
C THR A 149 -10.12 23.88 28.56
N LYS A 150 -10.60 24.07 27.34
CA LYS A 150 -10.13 25.14 26.42
C LYS A 150 -8.66 25.14 26.03
N VAL A 151 -8.09 23.92 25.98
CA VAL A 151 -6.68 23.65 25.66
C VAL A 151 -6.33 24.34 24.34
N SER A 152 -5.13 24.92 24.23
CA SER A 152 -4.77 25.64 23.01
C SER A 152 -4.46 24.75 21.82
N SER A 153 -3.93 23.54 22.10
CA SER A 153 -3.59 22.61 21.04
C SER A 153 -3.26 21.28 21.66
N LEU A 154 -3.24 20.26 20.80
CA LEU A 154 -2.94 18.87 21.24
C LEU A 154 -1.74 18.38 20.46
N THR A 155 -0.91 17.62 21.15
CA THR A 155 0.13 16.78 20.47
C THR A 155 -0.03 15.38 20.97
N PHE A 156 0.00 14.37 20.07
CA PHE A 156 -0.07 12.98 20.46
C PHE A 156 1.22 12.31 20.12
N ALA A 157 1.73 11.51 21.04
CA ALA A 157 2.86 10.59 20.77
C ALA A 157 2.54 9.21 21.14
N GLY A 158 2.91 8.27 20.30
CA GLY A 158 2.76 6.87 20.60
C GLY A 158 4.11 6.18 20.49
N HIS A 159 4.37 5.22 21.31
CA HIS A 159 5.61 4.44 21.21
C HIS A 159 5.28 3.03 20.94
C SEB A 160 4.26 0.65 19.33
N SEB A 160 5.90 2.39 19.98
CI2 SEB A 160 7.70 -1.07 24.78
CH2 SEB A 160 7.65 -1.34 23.42
CJ SEB A 160 7.61 -2.09 25.67
CI1 SEB A 160 7.57 -3.41 25.23
CH1 SEB A 160 7.53 -3.68 23.86
CZ SEB A 160 7.57 -2.64 22.92
CE SEB A 160 7.51 -3.10 21.42
OD2 SEB A 160 5.69 -3.31 19.56
OD1 SEB A 160 5.10 -2.47 21.40
SD SEB A 160 6.11 -2.63 20.64
OG SEB A 160 6.70 -1.22 20.20
CB SEB A 160 6.42 0.06 20.72
CA SEB A 160 5.72 0.96 19.66
O SEB A 160 3.70 1.23 18.46
N ALA A 161 3.70 -0.32 20.21
CA ALA A 161 2.30 -0.63 19.91
C ALA A 161 1.43 0.60 20.02
N GLY A 162 1.87 1.57 20.81
CA GLY A 162 1.12 2.83 21.00
C GLY A 162 1.09 3.73 19.78
N ALA A 163 2.21 3.69 19.03
CA ALA A 163 2.24 4.35 17.72
C ALA A 163 1.29 3.72 16.74
N HIS A 164 1.21 2.35 16.73
CA HIS A 164 0.18 1.68 15.96
C HIS A 164 -1.17 2.19 16.36
N LEU A 165 -1.44 2.22 17.68
CA LEU A 165 -2.82 2.60 18.06
C LEU A 165 -3.16 4.04 17.62
N LEU A 166 -2.16 4.91 17.79
CA LEU A 166 -2.39 6.30 17.46
C LEU A 166 -2.76 6.54 15.97
N ALA A 167 -2.27 5.64 15.07
CA ALA A 167 -2.48 5.87 13.70
C ALA A 167 -3.93 5.99 13.29
N GLN A 168 -4.87 5.41 14.05
CA GLN A 168 -6.21 5.55 13.65
C GLN A 168 -6.75 6.96 13.74
N ILE A 169 -6.05 7.89 14.41
CA ILE A 169 -6.56 9.25 14.53
C ILE A 169 -6.76 9.87 13.14
N LEU A 170 -6.02 9.38 12.13
CA LEU A 170 -6.15 9.92 10.78
C LEU A 170 -7.34 9.39 10.00
N MET A 171 -8.05 8.38 10.53
CA MET A 171 -9.10 7.66 9.79
C MET A 171 -10.30 7.33 10.65
N ARG A 172 -10.66 8.27 11.52
CA ARG A 172 -11.90 8.09 12.32
C ARG A 172 -12.71 9.43 12.24
N PRO A 173 -13.07 9.80 11.02
CA PRO A 173 -13.68 11.15 10.85
C PRO A 173 -15.06 11.31 11.53
N ASN A 174 -15.71 10.20 11.91
CA ASN A 174 -16.99 10.35 12.65
C ASN A 174 -16.77 10.82 14.08
N VAL A 175 -15.53 10.70 14.58
CA VAL A 175 -15.17 11.14 15.90
C VAL A 175 -14.24 12.35 15.82
N ILE A 176 -13.25 12.25 14.93
CA ILE A 176 -12.30 13.33 14.76
C ILE A 176 -12.81 14.18 13.60
N THR A 177 -13.51 15.26 13.95
CA THR A 177 -14.03 16.17 12.96
C THR A 177 -12.92 17.05 12.46
N ALA A 178 -13.17 17.78 11.39
CA ALA A 178 -12.18 18.67 10.85
C ALA A 178 -11.73 19.72 11.88
N GLN A 179 -12.61 20.19 12.75
CA GLN A 179 -12.22 21.15 13.75
C GLN A 179 -11.29 20.49 14.77
N ARG A 180 -11.60 19.23 15.14
CA ARG A 180 -10.71 18.50 16.01
C ARG A 180 -9.33 18.32 15.39
N SER A 181 -9.30 17.93 14.10
CA SER A 181 -8.04 17.78 13.42
C SER A 181 -7.23 19.04 13.50
N LYS A 182 -7.89 20.18 13.28
CA LYS A 182 -7.19 21.46 13.29
C LYS A 182 -6.54 21.79 14.64
N MET A 183 -7.03 21.17 15.71
CA MET A 183 -6.47 21.34 17.04
C MET A 183 -5.15 20.60 17.26
N VAL A 184 -4.79 19.71 16.31
CA VAL A 184 -3.61 18.88 16.53
C VAL A 184 -2.38 19.52 15.96
N TRP A 185 -1.48 19.89 16.87
CA TRP A 185 -0.22 20.49 16.46
C TRP A 185 0.70 19.46 15.81
N ALA A 186 0.82 18.30 16.43
CA ALA A 186 1.76 17.31 15.94
C ALA A 186 1.30 15.93 16.32
N LEU A 187 1.68 14.96 15.48
CA LEU A 187 1.59 13.51 15.79
C LEU A 187 2.97 12.91 15.75
N ILE A 188 3.35 12.14 16.77
CA ILE A 188 4.76 11.66 16.87
C ILE A 188 4.64 10.19 16.99
N PHE A 189 5.20 9.47 16.05
CA PHE A 189 5.11 7.98 15.97
C PHE A 189 6.46 7.43 16.26
N LEU A 190 6.71 6.94 17.46
CA LEU A 190 8.06 6.54 17.94
C LEU A 190 8.16 5.04 17.77
N CYS A 191 8.99 4.51 16.85
CA CYS A 191 9.31 3.06 16.79
C CYS A 191 8.07 2.19 16.67
N GLY A 192 7.12 2.62 15.84
CA GLY A 192 5.90 1.86 15.67
C GLY A 192 6.00 0.63 14.82
N VAL A 193 4.91 -0.09 14.77
CA VAL A 193 4.70 -1.19 13.88
C VAL A 193 3.35 -0.97 13.23
N TYR A 194 3.31 -1.11 11.88
CA TYR A 194 2.14 -0.68 11.09
C TYR A 194 1.56 -1.69 10.15
N ASP A 195 2.33 -2.75 9.82
CA ASP A 195 1.85 -3.83 8.96
C ASP A 195 1.93 -5.07 9.84
N LEU A 196 0.75 -5.64 10.23
CA LEU A 196 0.73 -6.71 11.19
C LEU A 196 0.67 -8.11 10.57
N ARG A 197 0.83 -8.16 9.23
CA ARG A 197 0.60 -9.44 8.57
C ARG A 197 1.60 -10.52 8.96
N GLU A 198 2.89 -10.21 9.09
CA GLU A 198 3.88 -11.20 9.54
C GLU A 198 3.72 -11.58 10.96
N LEU A 199 3.61 -10.59 11.85
CA LEU A 199 3.64 -10.87 13.25
C LEU A 199 2.37 -11.63 13.64
N SER A 200 1.29 -11.47 12.84
CA SER A 200 0.05 -12.12 13.19
C SER A 200 0.22 -13.62 13.21
N ASN A 201 1.15 -14.12 12.43
CA ASN A 201 1.43 -15.53 12.36
C ASN A 201 2.64 -16.00 13.17
N LEU A 202 3.16 -15.16 14.06
CA LEU A 202 4.22 -15.51 14.99
C LEU A 202 3.64 -15.87 16.35
N GLU A 203 3.99 -17.06 16.84
CA GLU A 203 3.58 -17.49 18.18
C GLU A 203 4.34 -16.68 19.19
N SER A 204 5.53 -16.15 18.89
CA SER A 204 6.24 -15.31 19.83
C SER A 204 5.53 -14.00 20.14
N VAL A 205 5.05 -13.36 19.10
CA VAL A 205 4.43 -12.06 19.26
C VAL A 205 2.91 -12.21 19.52
N ASN A 206 2.28 -13.17 18.87
CA ASN A 206 0.83 -13.29 18.93
C ASN A 206 0.48 -14.70 19.36
N PRO A 207 0.93 -15.05 20.61
CA PRO A 207 0.71 -16.46 21.08
C PRO A 207 -0.75 -16.82 21.03
N LYS A 208 -1.02 -18.01 20.49
CA LYS A 208 -2.36 -18.51 20.39
C LYS A 208 -3.35 -17.55 19.74
N ASN A 209 -2.81 -16.62 18.90
CA ASN A 209 -3.69 -15.62 18.31
C ASN A 209 -4.48 -14.83 19.35
N ILE A 210 -3.82 -14.48 20.45
CA ILE A 210 -4.46 -13.57 21.42
C ILE A 210 -4.91 -12.25 20.83
N LEU A 211 -4.28 -11.78 19.73
CA LEU A 211 -4.70 -10.55 19.17
C LEU A 211 -6.02 -10.71 18.40
N GLY A 212 -6.44 -11.96 18.10
CA GLY A 212 -7.69 -12.20 17.37
C GLY A 212 -7.73 -11.80 15.93
N LEU A 213 -6.61 -12.07 15.25
CA LEU A 213 -6.45 -11.68 13.88
C LEU A 213 -6.78 -12.79 12.91
N ASN A 214 -7.24 -12.40 11.74
CA ASN A 214 -7.56 -13.36 10.66
C ASN A 214 -7.49 -12.61 9.33
N GLU A 215 -7.63 -13.31 8.19
CA GLU A 215 -7.44 -12.64 6.91
C GLU A 215 -8.55 -11.57 6.68
N ARG A 216 -9.70 -11.68 7.33
CA ARG A 216 -10.83 -10.70 7.30
C ARG A 216 -10.59 -9.37 8.03
N ASN A 217 -9.74 -9.38 9.05
CA ASN A 217 -9.46 -8.14 9.76
C ASN A 217 -8.00 -7.69 9.71
N ILE A 218 -7.11 -8.43 9.01
CA ILE A 218 -5.71 -8.07 9.13
C ILE A 218 -5.41 -6.69 8.47
N GLU A 219 -6.15 -6.31 7.42
CA GLU A 219 -5.95 -4.99 6.87
C GLU A 219 -6.46 -3.88 7.80
N SER A 220 -7.64 -4.12 8.40
CA SER A 220 -8.18 -3.14 9.32
C SER A 220 -7.29 -2.81 10.48
N VAL A 221 -6.46 -3.78 10.91
CA VAL A 221 -5.59 -3.48 12.03
C VAL A 221 -4.19 -3.07 11.59
N SER A 222 -3.99 -2.90 10.26
CA SER A 222 -2.65 -2.52 9.76
C SER A 222 -2.61 -1.13 9.09
N PRO A 223 -2.30 -0.06 9.85
CA PRO A 223 -2.23 1.29 9.27
C PRO A 223 -1.38 1.38 8.00
N MET A 224 -0.39 0.51 7.82
CA MET A 224 0.41 0.50 6.58
C MET A 224 -0.48 0.30 5.34
N LEU A 225 -1.59 -0.36 5.50
CA LEU A 225 -2.35 -0.86 4.33
C LEU A 225 -3.60 -0.09 4.10
N TRP A 226 -3.84 0.96 4.90
CA TRP A 226 -5.10 1.71 4.76
C TRP A 226 -5.11 2.62 3.55
N GLU A 227 -6.32 2.89 3.04
CA GLU A 227 -6.48 3.81 1.91
C GLU A 227 -6.86 5.14 2.56
N TYR A 228 -5.85 5.95 2.87
CA TYR A 228 -6.06 7.20 3.58
C TYR A 228 -6.89 8.15 2.71
N THR A 229 -7.81 8.86 3.32
CA THR A 229 -8.63 9.86 2.58
C THR A 229 -8.79 11.13 3.41
N ASP A 230 -9.28 12.20 2.75
CA ASP A 230 -9.54 13.49 3.42
C ASP A 230 -8.26 14.00 4.07
N VAL A 231 -7.16 13.84 3.37
CA VAL A 231 -5.82 14.11 3.90
C VAL A 231 -5.69 15.64 4.17
N THR A 232 -6.37 16.49 3.40
CA THR A 232 -6.17 17.93 3.59
C THR A 232 -6.66 18.47 4.94
N VAL A 233 -7.55 17.77 5.65
CA VAL A 233 -7.95 18.28 6.97
C VAL A 233 -6.76 18.26 7.93
N TRP A 234 -5.74 17.47 7.58
CA TRP A 234 -4.57 17.36 8.42
C TRP A 234 -3.43 18.22 8.03
N ASN A 235 -3.66 19.12 7.05
CA ASN A 235 -2.53 19.74 6.40
C ASN A 235 -1.76 20.73 7.30
N SER A 236 -2.33 21.19 8.40
CA SER A 236 -1.65 22.05 9.39
C SER A 236 -0.83 21.20 10.39
N THR A 237 -1.11 19.88 10.47
CA THR A 237 -0.52 19.05 11.52
C THR A 237 0.83 18.47 11.09
N LYS A 238 1.85 18.64 11.96
CA LYS A 238 3.17 18.09 11.68
C LYS A 238 3.19 16.63 12.10
N ILE A 239 3.67 15.75 11.22
CA ILE A 239 3.70 14.28 11.53
C ILE A 239 5.15 13.83 11.49
N TYR A 240 5.56 13.22 12.58
CA TYR A 240 6.98 12.81 12.72
C TYR A 240 7.00 11.31 12.87
N VAL A 241 7.55 10.56 11.92
CA VAL A 241 7.68 9.10 12.02
C VAL A 241 9.15 8.88 12.39
N VAL A 242 9.40 8.26 13.50
CA VAL A 242 10.75 8.15 14.10
C VAL A 242 11.07 6.67 14.29
N ALA A 243 12.24 6.21 13.87
CA ALA A 243 12.79 4.94 14.24
C ALA A 243 14.11 5.10 15.01
N ALA A 244 14.51 4.08 15.78
CA ALA A 244 15.79 4.07 16.50
C ALA A 244 16.84 3.37 15.65
N GLU A 245 18.06 3.94 15.63
CA GLU A 245 19.17 3.28 14.86
C GLU A 245 19.38 1.86 15.29
N HIS A 246 19.37 1.58 16.59
CA HIS A 246 19.66 0.22 17.09
C HIS A 246 18.35 -0.50 17.37
N ASP A 247 17.49 -0.46 16.37
CA ASP A 247 16.30 -1.33 16.31
C ASP A 247 16.51 -2.38 15.25
N SER A 248 15.62 -3.37 15.18
CA SER A 248 15.77 -4.36 14.12
C SER A 248 15.52 -3.70 12.74
N THR A 249 16.07 -4.35 11.67
CA THR A 249 15.85 -3.85 10.36
C THR A 249 14.34 -3.83 10.08
N THR A 250 13.59 -4.88 10.53
CA THR A 250 12.14 -4.86 10.26
C THR A 250 11.47 -3.63 10.89
N PHE A 251 11.84 -3.33 12.15
CA PHE A 251 11.25 -2.10 12.75
C PHE A 251 11.64 -0.83 12.06
N ILE A 252 12.94 -0.70 11.69
CA ILE A 252 13.33 0.54 11.03
C ILE A 252 12.60 0.66 9.69
N GLU A 253 12.61 -0.44 8.91
CA GLU A 253 11.92 -0.41 7.66
C GLU A 253 10.43 -0.22 7.70
N GLN A 254 9.78 -0.74 8.76
CA GLN A 254 8.35 -0.48 8.89
C GLN A 254 8.10 1.02 9.09
N SER A 255 8.95 1.67 9.85
CA SER A 255 8.84 3.13 9.99
C SER A 255 9.17 3.87 8.66
N ARG A 256 10.22 3.47 7.96
CA ARG A 256 10.51 4.13 6.67
C ARG A 256 9.35 3.97 5.70
N HIS A 257 8.83 2.77 5.62
CA HIS A 257 7.72 2.46 4.75
C HIS A 257 6.44 3.25 5.17
N TYR A 258 6.17 3.37 6.47
CA TYR A 258 4.98 4.08 6.85
C TYR A 258 5.11 5.57 6.60
N ALA A 259 6.28 6.13 6.88
CA ALA A 259 6.49 7.53 6.55
C ALA A 259 6.30 7.70 5.05
N ASP A 260 6.75 6.75 4.24
CA ASP A 260 6.62 6.95 2.80
C ASP A 260 5.16 6.85 2.37
N VAL A 261 4.35 5.98 2.99
CA VAL A 261 2.89 5.87 2.67
C VAL A 261 2.22 7.19 3.04
N LEU A 262 2.50 7.77 4.19
CA LEU A 262 1.86 9.05 4.59
C LEU A 262 2.30 10.21 3.69
N ARG A 263 3.58 10.25 3.34
CA ARG A 263 4.10 11.37 2.48
C ARG A 263 3.44 11.26 1.11
N LYS A 264 3.40 10.06 0.53
CA LYS A 264 2.74 9.84 -0.77
C LYS A 264 1.31 10.24 -0.80
N LYS A 265 0.57 10.03 0.29
CA LYS A 265 -0.82 10.40 0.40
C LYS A 265 -0.98 11.90 0.57
N GLY A 266 0.08 12.60 0.94
CA GLY A 266 0.05 14.06 1.05
C GLY A 266 0.09 14.65 2.45
N TYR A 267 0.28 13.79 3.46
CA TYR A 267 0.47 14.31 4.78
C TYR A 267 1.79 15.05 4.98
N LYS A 268 1.84 15.94 5.95
CA LYS A 268 3.06 16.74 6.28
C LYS A 268 3.96 15.88 7.20
N ALA A 269 4.52 14.81 6.61
CA ALA A 269 5.17 13.73 7.39
C ALA A 269 6.62 13.65 7.05
N SER A 270 7.44 13.38 8.05
CA SER A 270 8.88 13.15 7.85
C SER A 270 9.28 11.84 8.51
N PHE A 271 10.37 11.29 8.01
CA PHE A 271 11.09 10.19 8.64
C PHE A 271 12.37 10.65 9.30
N THR A 272 12.64 10.17 10.53
CA THR A 272 13.86 10.44 11.27
C THR A 272 14.39 9.18 11.84
N LEU A 273 15.65 8.82 11.56
CA LEU A 273 16.34 7.72 12.26
C LEU A 273 17.18 8.29 13.36
N PHE A 274 16.86 7.96 14.61
CA PHE A 274 17.55 8.54 15.71
C PHE A 274 18.85 7.85 16.03
N LYS A 275 19.95 8.53 15.72
CA LYS A 275 21.29 7.95 15.93
C LYS A 275 21.64 7.54 17.35
N GLY A 276 22.14 6.33 17.52
CA GLY A 276 22.64 5.87 18.78
C GLY A 276 21.63 5.37 19.81
N TYR A 277 20.36 5.54 19.43
CA TYR A 277 19.28 5.07 20.37
C TYR A 277 18.80 3.68 20.00
N ASP A 278 18.33 2.97 21.02
CA ASP A 278 17.57 1.72 20.83
C ASP A 278 16.07 2.03 21.07
N HIS A 279 15.28 0.98 20.98
CA HIS A 279 13.83 1.10 21.00
C HIS A 279 13.40 1.50 22.40
N PHE A 280 14.25 1.31 23.41
CA PHE A 280 13.87 1.53 24.82
C PHE A 280 14.42 2.81 25.38
N ASP A 281 15.69 3.14 25.13
CA ASP A 281 16.20 4.38 25.68
C ASP A 281 15.71 5.58 24.91
N ILE A 282 15.12 5.40 23.74
CA ILE A 282 14.43 6.53 23.07
C ILE A 282 13.22 7.01 23.96
N ILE A 283 12.69 6.17 24.85
CA ILE A 283 11.76 6.62 25.87
C ILE A 283 12.43 6.91 27.20
N GLU A 284 13.41 6.10 27.61
CA GLU A 284 14.03 6.38 28.93
C GLU A 284 14.63 7.79 29.00
N GLU A 285 15.27 8.21 27.92
CA GLU A 285 15.93 9.54 27.95
C GLU A 285 14.98 10.69 27.83
N THR A 286 13.66 10.44 27.62
CA THR A 286 12.71 11.56 27.63
C THR A 286 12.51 12.13 29.08
N ALA A 287 13.04 11.47 30.11
CA ALA A 287 13.00 12.01 31.50
C ALA A 287 14.09 13.01 31.73
N ILE A 288 15.05 13.13 30.77
CA ILE A 288 16.22 14.01 30.96
C ILE A 288 16.04 15.19 30.02
N ASP A 289 15.87 16.40 30.59
CA ASP A 289 15.44 17.52 29.79
C ASP A 289 16.36 17.84 28.58
N ASP A 290 17.66 17.66 28.78
CA ASP A 290 18.61 18.00 27.73
C ASP A 290 19.06 16.86 26.85
N SER A 291 18.39 15.70 26.95
CA SER A 291 18.76 14.60 26.05
C SER A 291 18.41 14.93 24.59
N ASP A 292 18.99 14.16 23.67
CA ASP A 292 18.70 14.36 22.26
C ASP A 292 17.19 14.19 21.97
N VAL A 293 16.60 13.12 22.53
CA VAL A 293 15.15 12.93 22.28
C VAL A 293 14.30 14.02 22.94
N SER A 294 14.69 14.41 24.16
CA SER A 294 13.92 15.51 24.78
C SER A 294 13.97 16.81 24.02
N ARG A 295 15.17 17.11 23.47
CA ARG A 295 15.30 18.29 22.66
C ARG A 295 14.60 18.25 21.33
N PHE A 296 14.49 17.03 20.73
CA PHE A 296 13.72 16.87 19.53
C PHE A 296 12.25 17.22 19.82
N LEU A 297 11.71 16.67 20.92
CA LEU A 297 10.33 17.01 21.32
C LEU A 297 10.16 18.51 21.55
N ARG A 298 11.14 19.13 22.21
CA ARG A 298 11.05 20.59 22.49
C ARG A 298 11.02 21.28 21.13
N ASN A 299 11.86 20.83 20.17
CA ASN A 299 11.96 21.59 18.91
C ASN A 299 10.66 21.55 18.06
N ILE A 300 9.83 20.51 18.29
CA ILE A 300 8.55 20.41 17.57
C ILE A 300 7.65 21.55 18.00
N GLU A 301 7.82 22.01 19.25
CA GLU A 301 6.99 23.07 19.83
C GLU A 301 7.30 24.47 19.29
N ILE A 302 8.47 24.59 18.71
CA ILE A 302 8.87 25.92 18.31
C ILE A 302 7.96 26.42 17.16
N ALA B 1 -9.36 -35.98 -16.07
CA ALA B 1 -10.48 -35.31 -16.82
C ALA B 1 -10.21 -33.82 -16.93
N GLY B 2 -10.42 -33.27 -18.11
CA GLY B 2 -10.33 -31.82 -18.23
C GLY B 2 -8.91 -31.35 -18.34
N HIS B 3 -8.71 -30.07 -18.03
CA HIS B 3 -7.38 -29.43 -18.18
C HIS B 3 -7.08 -28.54 -16.98
N MET B 4 -5.94 -27.85 -16.96
CA MET B 4 -5.49 -27.33 -15.71
C MET B 4 -6.41 -26.29 -15.01
N TYR B 5 -7.07 -25.43 -15.79
CA TYR B 5 -7.89 -24.31 -15.30
C TYR B 5 -9.35 -24.54 -15.63
N ASN B 6 -9.68 -25.77 -16.03
CA ASN B 6 -11.07 -26.08 -16.35
C ASN B 6 -11.28 -27.56 -16.26
N PRO B 7 -11.89 -28.06 -15.16
CA PRO B 7 -11.94 -29.49 -14.98
C PRO B 7 -12.90 -30.23 -15.92
N ARG B 8 -13.73 -29.46 -16.59
CA ARG B 8 -14.66 -30.02 -17.58
C ARG B 8 -14.34 -29.60 -19.01
N CYS B 9 -13.10 -29.17 -19.26
CA CYS B 9 -12.80 -28.78 -20.61
C CYS B 9 -12.90 -29.90 -21.66
N LYS B 10 -13.60 -29.56 -22.72
CA LYS B 10 -13.98 -30.50 -23.82
C LYS B 10 -13.10 -30.22 -25.04
N ASP B 11 -12.40 -29.06 -25.04
CA ASP B 11 -11.66 -28.63 -26.24
C ASP B 11 -10.65 -27.62 -25.74
N LEU B 12 -9.38 -28.08 -25.56
CA LEU B 12 -8.39 -27.18 -24.97
C LEU B 12 -8.07 -25.97 -25.86
N ASP B 13 -7.94 -26.16 -27.19
CA ASP B 13 -7.71 -25.04 -28.07
C ASP B 13 -8.80 -24.03 -27.91
N ARG B 14 -10.09 -24.46 -27.90
CA ARG B 14 -11.20 -23.51 -27.83
C ARG B 14 -11.16 -22.78 -26.49
N ASP B 15 -10.69 -23.42 -25.40
CA ASP B 15 -10.63 -22.70 -24.12
C ASP B 15 -9.58 -21.58 -24.06
N TYR B 16 -8.63 -21.65 -25.00
CA TYR B 16 -7.61 -20.60 -25.10
C TYR B 16 -7.90 -19.59 -26.16
N PHE B 17 -9.09 -19.58 -26.77
CA PHE B 17 -9.50 -18.55 -27.74
C PHE B 17 -10.76 -17.87 -27.29
N PRO B 18 -10.57 -16.70 -26.64
CA PRO B 18 -11.71 -16.01 -26.02
C PRO B 18 -12.81 -15.68 -27.00
N SER B 19 -12.56 -15.55 -28.28
CA SER B 19 -13.62 -15.18 -29.19
C SER B 19 -14.75 -16.18 -29.36
N TYR B 20 -14.53 -17.42 -28.91
CA TYR B 20 -15.54 -18.47 -28.93
C TYR B 20 -16.50 -18.39 -27.76
N HIS B 21 -16.29 -17.42 -26.89
CA HIS B 21 -17.00 -17.38 -25.58
C HIS B 21 -17.65 -16.01 -25.46
N THR B 22 -18.78 -15.91 -26.07
CA THR B 22 -19.46 -14.64 -26.12
C THR B 22 -20.95 -14.91 -26.10
N THR B 23 -21.73 -13.91 -25.74
CA THR B 23 -23.18 -14.04 -25.92
C THR B 23 -23.59 -13.24 -27.13
N ARG B 24 -22.65 -12.54 -27.73
CA ARG B 24 -22.96 -11.68 -28.87
C ARG B 24 -22.92 -12.40 -30.19
N PHE B 25 -23.54 -11.78 -31.21
CA PHE B 25 -23.48 -12.31 -32.59
C PHE B 25 -24.07 -13.73 -32.82
N GLN B 26 -25.07 -14.10 -32.03
CA GLN B 26 -25.53 -15.49 -32.06
C GLN B 26 -26.35 -15.80 -33.33
N ASP B 27 -26.83 -14.76 -34.00
CA ASP B 27 -27.47 -14.91 -35.31
C ASP B 27 -26.49 -15.07 -36.49
N GLN B 28 -25.18 -15.08 -36.21
CA GLN B 28 -24.16 -15.24 -37.27
C GLN B 28 -23.70 -16.69 -37.51
N PRO B 29 -23.32 -17.03 -38.77
CA PRO B 29 -22.78 -18.38 -39.04
C PRO B 29 -21.63 -18.76 -38.10
N GLU B 30 -20.65 -17.86 -37.95
CA GLU B 30 -19.52 -18.13 -37.06
C GLU B 30 -19.40 -16.94 -36.13
N PRO B 31 -20.10 -17.01 -34.98
CA PRO B 31 -20.12 -15.86 -34.04
C PRO B 31 -18.72 -15.47 -33.54
N ASN B 32 -17.81 -16.44 -33.37
CA ASN B 32 -16.43 -16.10 -33.07
C ASN B 32 -15.81 -15.09 -34.04
N LEU B 33 -16.00 -15.29 -35.35
CA LEU B 33 -15.46 -14.40 -36.40
C LEU B 33 -16.23 -13.06 -36.44
N ALA B 34 -17.53 -13.09 -36.13
CA ALA B 34 -18.30 -11.83 -36.02
C ALA B 34 -17.79 -10.97 -34.85
N VAL B 35 -17.47 -11.63 -33.72
CA VAL B 35 -16.86 -10.92 -32.57
C VAL B 35 -15.59 -10.23 -33.02
N LEU B 36 -14.73 -10.94 -33.74
CA LEU B 36 -13.42 -10.43 -34.09
C LEU B 36 -13.46 -9.31 -35.13
N GLU B 37 -14.26 -9.53 -36.16
CA GLU B 37 -14.53 -8.52 -37.17
C GLU B 37 -14.97 -7.22 -36.55
N HIS B 38 -15.94 -7.35 -35.67
CA HIS B 38 -16.54 -6.21 -35.02
C HIS B 38 -15.49 -5.49 -34.16
N PHE B 39 -14.67 -6.25 -33.44
CA PHE B 39 -13.66 -5.63 -32.62
C PHE B 39 -12.69 -4.78 -33.43
N VAL B 40 -12.16 -5.33 -34.52
CA VAL B 40 -11.21 -4.59 -35.33
C VAL B 40 -11.86 -3.31 -35.89
N ARG B 41 -13.09 -3.46 -36.40
CA ARG B 41 -13.78 -2.30 -37.03
C ARG B 41 -14.02 -1.22 -36.00
N VAL B 42 -14.61 -1.59 -34.86
CA VAL B 42 -15.02 -0.58 -33.90
C VAL B 42 -13.81 0.01 -33.19
N THR B 43 -12.80 -0.77 -32.84
CA THR B 43 -11.67 -0.12 -32.22
C THR B 43 -10.88 0.81 -33.18
N LYS B 44 -10.77 0.43 -34.46
CA LYS B 44 -10.14 1.40 -35.35
C LYS B 44 -10.91 2.69 -35.53
N GLN B 45 -12.24 2.58 -35.60
CA GLN B 45 -13.12 3.75 -35.61
C GLN B 45 -12.88 4.59 -34.35
N HIS B 46 -12.82 3.97 -33.16
CA HIS B 46 -12.54 4.73 -31.91
C HIS B 46 -11.24 5.54 -32.03
N GLY B 47 -10.21 4.92 -32.57
CA GLY B 47 -8.92 5.58 -32.69
C GLY B 47 -9.01 6.83 -33.59
N ARG B 48 -9.66 6.68 -34.74
CA ARG B 48 -9.89 7.83 -35.64
C ARG B 48 -10.74 8.95 -34.97
N GLU B 49 -11.75 8.58 -34.19
CA GLU B 49 -12.67 9.54 -33.57
C GLU B 49 -12.00 10.45 -32.52
N LEU B 50 -10.92 9.99 -31.90
CA LEU B 50 -10.22 10.80 -30.89
C LEU B 50 -9.83 12.15 -31.49
N THR B 51 -9.17 12.09 -32.66
CA THR B 51 -8.76 13.34 -33.29
C THR B 51 -9.85 13.89 -34.22
N GLU B 52 -10.63 13.02 -34.88
CA GLU B 52 -11.66 13.54 -35.88
C GLU B 52 -12.88 14.17 -35.25
N LYS B 53 -13.29 13.69 -34.09
CA LYS B 53 -14.53 14.10 -33.48
C LYS B 53 -14.33 14.68 -32.09
N GLN B 54 -13.36 14.14 -31.35
CA GLN B 54 -13.40 14.38 -29.90
C GLN B 54 -12.43 15.48 -29.38
N GLY B 55 -11.69 16.10 -30.29
CA GLY B 55 -10.87 17.26 -29.90
C GLY B 55 -9.68 16.86 -29.05
N ILE B 56 -9.20 15.62 -29.29
CA ILE B 56 -8.05 15.13 -28.55
C ILE B 56 -6.78 15.29 -29.35
N THR B 57 -5.71 15.68 -28.66
CA THR B 57 -4.37 15.86 -29.24
C THR B 57 -3.57 14.59 -29.09
N VAL B 58 -2.71 14.26 -30.09
CA VAL B 58 -1.82 13.09 -29.96
C VAL B 58 -0.37 13.48 -30.28
N ASP B 59 0.56 13.02 -29.47
CA ASP B 59 2.01 13.09 -29.78
C ASP B 59 2.41 11.67 -30.20
N HIS B 60 2.96 11.50 -31.38
CA HIS B 60 3.45 10.19 -31.88
C HIS B 60 4.89 10.10 -31.54
N LEU B 61 5.22 9.21 -30.65
CA LEU B 61 6.59 8.99 -30.16
C LEU B 61 7.17 7.62 -30.59
N ARG B 62 8.48 7.50 -30.59
CA ARG B 62 9.18 6.25 -30.79
C ARG B 62 10.05 6.00 -29.57
N TYR B 63 9.96 4.83 -28.96
CA TYR B 63 10.82 4.52 -27.87
C TYR B 63 11.90 3.49 -28.17
N GLY B 64 11.81 2.89 -29.35
CA GLY B 64 12.82 1.88 -29.76
C GLY B 64 12.64 1.53 -31.21
N GLU B 65 13.44 0.58 -31.69
CA GLU B 65 13.33 0.16 -33.08
C GLU B 65 12.06 -0.65 -33.42
N GLY B 66 11.73 -0.72 -34.70
CA GLY B 66 10.62 -1.56 -35.20
C GLY B 66 9.31 -0.98 -34.70
N ARG B 67 8.53 -1.82 -33.99
CA ARG B 67 7.20 -1.40 -33.60
C ARG B 67 7.19 -0.79 -32.22
N GLN B 68 8.34 -0.46 -31.68
CA GLN B 68 8.45 0.19 -30.36
C GLN B 68 8.07 1.67 -30.43
N LEU B 69 6.75 1.88 -30.54
CA LEU B 69 6.11 3.21 -30.70
C LEU B 69 5.19 3.46 -29.54
N VAL B 70 4.91 4.71 -29.24
CA VAL B 70 3.89 5.01 -28.22
C VAL B 70 3.21 6.30 -28.58
N ASP B 71 1.90 6.33 -28.57
CA ASP B 71 1.13 7.54 -28.87
C ASP B 71 0.65 8.07 -27.55
N VAL B 72 0.85 9.34 -27.29
CA VAL B 72 0.44 9.99 -26.04
C VAL B 72 -0.65 11.02 -26.32
N PHE B 73 -1.79 10.82 -25.68
CA PHE B 73 -3.02 11.53 -25.91
C PHE B 73 -3.34 12.47 -24.75
N TYR B 74 -3.93 13.61 -25.06
CA TYR B 74 -4.22 14.65 -24.06
C TYR B 74 -5.14 15.67 -24.68
N SER B 75 -5.55 16.66 -23.88
CA SER B 75 -6.39 17.75 -24.43
C SER B 75 -5.85 19.09 -23.98
N GLU B 76 -6.53 20.13 -24.47
CA GLU B 76 -6.12 21.45 -23.99
C GLU B 76 -6.41 21.64 -22.49
N LYS B 77 -7.19 20.76 -21.85
CA LYS B 77 -7.40 20.89 -20.42
C LYS B 77 -6.35 20.19 -19.52
N THR B 78 -5.54 19.35 -20.14
CA THR B 78 -4.60 18.50 -19.37
C THR B 78 -3.54 19.35 -18.69
N THR B 79 -3.30 19.10 -17.41
CA THR B 79 -2.27 19.86 -16.69
C THR B 79 -0.85 19.38 -16.95
N ASN B 80 0.13 20.23 -16.65
CA ASN B 80 1.49 19.86 -16.93
C ASN B 80 1.91 18.55 -16.27
N GLN B 81 1.46 18.37 -15.05
CA GLN B 81 1.88 17.22 -14.22
C GLN B 81 0.74 16.22 -14.11
N ALA B 82 -0.13 16.18 -15.13
CA ALA B 82 -1.20 15.24 -15.17
C ALA B 82 -0.64 13.79 -15.02
N PRO B 83 -1.40 12.92 -14.32
CA PRO B 83 -1.03 11.53 -14.29
C PRO B 83 -1.11 10.88 -15.66
N LEU B 84 -0.28 9.82 -15.82
CA LEU B 84 -0.19 9.09 -17.05
C LEU B 84 -0.80 7.68 -16.89
N PHE B 85 -1.76 7.37 -17.75
CA PHE B 85 -2.37 6.04 -17.83
C PHE B 85 -1.74 5.36 -19.02
N VAL B 86 -1.14 4.20 -18.82
CA VAL B 86 -0.37 3.47 -19.86
C VAL B 86 -1.13 2.23 -20.19
N PHE B 87 -1.52 2.06 -21.45
CA PHE B 87 -2.28 0.93 -21.89
C PHE B 87 -1.46 0.00 -22.73
N VAL B 88 -1.44 -1.28 -22.38
CA VAL B 88 -0.63 -2.31 -23.09
C VAL B 88 -1.57 -3.36 -23.70
N HIS B 89 -1.66 -3.37 -25.03
CA HIS B 89 -2.67 -4.11 -25.75
C HIS B 89 -2.37 -5.62 -25.77
N GLY B 90 -3.39 -6.38 -26.21
CA GLY B 90 -3.31 -7.80 -26.35
C GLY B 90 -3.05 -8.26 -27.75
N GLY B 91 -3.42 -9.51 -28.04
CA GLY B 91 -3.20 -10.10 -29.34
C GLY B 91 -2.33 -11.35 -29.33
N TYR B 92 -2.24 -12.01 -28.18
CA TYR B 92 -1.45 -13.23 -28.08
C TYR B 92 0.03 -13.10 -28.55
N TRP B 93 0.58 -11.90 -28.33
CA TRP B 93 1.97 -11.60 -28.69
C TRP B 93 2.19 -11.73 -30.18
N GLN B 94 1.12 -11.79 -30.96
CA GLN B 94 1.32 -12.09 -32.37
C GLN B 94 0.46 -11.26 -33.23
N GLU B 95 -0.44 -10.43 -32.75
CA GLU B 95 -1.28 -9.59 -33.58
C GLU B 95 -1.70 -8.35 -32.76
N MET B 96 -2.47 -7.46 -33.40
CA MET B 96 -2.95 -6.21 -32.83
C MET B 96 -1.92 -5.14 -32.90
N ASP B 97 -2.33 -3.89 -32.96
CA ASP B 97 -1.41 -2.80 -32.92
C ASP B 97 -2.06 -1.57 -32.27
N MET B 98 -1.35 -0.44 -32.19
CA MET B 98 -1.89 0.76 -31.56
C MET B 98 -3.18 1.20 -32.18
N SER B 99 -3.39 1.00 -33.48
CA SER B 99 -4.59 1.53 -34.15
C SER B 99 -5.85 0.86 -33.63
N MET B 100 -5.74 -0.29 -32.96
CA MET B 100 -6.88 -1.04 -32.41
C MET B 100 -6.90 -0.98 -30.86
N SER B 101 -6.10 -0.08 -30.29
CA SER B 101 -5.83 -0.09 -28.85
C SER B 101 -6.18 1.21 -28.19
N CYS B 102 -6.94 2.07 -28.84
CA CYS B 102 -7.19 3.43 -28.28
C CYS B 102 -8.60 3.64 -27.83
N SER B 103 -9.40 2.59 -27.76
CA SER B 103 -10.78 2.81 -27.22
C SER B 103 -10.72 3.45 -25.86
N ILE B 104 -9.75 3.05 -25.03
CA ILE B 104 -9.78 3.46 -23.59
C ILE B 104 -9.45 4.95 -23.44
N VAL B 105 -8.91 5.60 -24.48
CA VAL B 105 -8.32 6.91 -24.28
C VAL B 105 -9.34 8.04 -23.90
N GLY B 106 -10.47 8.11 -24.62
CA GLY B 106 -11.31 9.32 -24.54
C GLY B 106 -11.81 9.65 -23.15
N PRO B 107 -12.42 8.68 -22.44
CA PRO B 107 -12.92 9.05 -21.16
C PRO B 107 -11.82 9.45 -20.13
N LEU B 108 -10.64 8.79 -20.23
CA LEU B 108 -9.54 9.11 -19.38
C LEU B 108 -9.06 10.53 -19.67
N VAL B 109 -8.96 10.90 -20.95
CA VAL B 109 -8.47 12.26 -21.25
C VAL B 109 -9.49 13.28 -20.75
N ARG B 110 -10.77 12.94 -20.83
CA ARG B 110 -11.83 13.86 -20.30
C ARG B 110 -11.79 14.00 -18.81
N ARG B 111 -11.13 13.07 -18.12
CA ARG B 111 -10.98 13.19 -16.66
C ARG B 111 -9.64 13.75 -16.25
N GLY B 112 -8.79 14.16 -17.19
CA GLY B 112 -7.55 14.84 -16.83
C GLY B 112 -6.26 14.01 -16.95
N TYR B 113 -6.38 12.76 -17.43
CA TYR B 113 -5.22 11.95 -17.63
C TYR B 113 -4.54 12.27 -18.97
N ARG B 114 -3.24 12.04 -19.01
CA ARG B 114 -2.56 11.82 -20.27
C ARG B 114 -2.58 10.31 -20.48
N VAL B 115 -2.71 9.88 -21.70
CA VAL B 115 -2.86 8.42 -21.97
C VAL B 115 -1.84 7.96 -22.94
N ALA B 116 -1.00 6.98 -22.57
CA ALA B 116 0.02 6.44 -23.48
C ALA B 116 -0.43 5.11 -24.00
N VAL B 117 -0.69 5.00 -25.29
CA VAL B 117 -1.03 3.72 -25.90
C VAL B 117 0.18 3.21 -26.63
N MET B 118 0.79 2.19 -26.12
CA MET B 118 2.07 1.70 -26.65
C MET B 118 1.90 0.54 -27.63
N ASP B 119 2.96 0.33 -28.39
CA ASP B 119 3.04 -0.88 -29.21
C ASP B 119 4.35 -1.57 -28.95
N TYR B 120 4.48 -2.76 -29.54
CA TYR B 120 5.66 -3.63 -29.32
C TYR B 120 5.80 -4.58 -30.50
N ASN B 121 7.03 -5.02 -30.65
CA ASN B 121 7.32 -6.06 -31.67
C ASN B 121 6.63 -7.34 -31.35
N LEU B 122 6.19 -8.05 -32.37
CA LEU B 122 5.44 -9.29 -32.19
C LEU B 122 6.26 -10.52 -32.48
N CYS B 123 5.84 -11.65 -31.95
CA CYS B 123 6.27 -12.95 -32.42
C CYS B 123 5.64 -13.20 -33.78
N PRO B 124 6.43 -13.73 -34.75
CA PRO B 124 7.74 -14.38 -34.67
C PRO B 124 8.90 -13.45 -34.96
N GLN B 125 8.72 -12.16 -35.11
CA GLN B 125 9.94 -11.29 -35.30
C GLN B 125 10.84 -11.37 -34.06
N VAL B 126 10.23 -11.47 -32.85
CA VAL B 126 10.91 -11.73 -31.57
C VAL B 126 10.36 -13.00 -31.02
N THR B 127 11.17 -13.61 -30.15
CA THR B 127 10.62 -14.68 -29.32
C THR B 127 9.86 -14.02 -28.17
N LEU B 128 9.07 -14.80 -27.43
CA LEU B 128 8.38 -14.18 -26.28
C LEU B 128 9.40 -13.67 -25.24
N GLU B 129 10.51 -14.41 -25.01
CA GLU B 129 11.48 -13.85 -24.06
C GLU B 129 12.07 -12.58 -24.58
N GLN B 130 12.41 -12.52 -25.89
CA GLN B 130 12.90 -11.27 -26.44
C GLN B 130 11.91 -10.13 -26.31
N LEU B 131 10.60 -10.39 -26.60
CA LEU B 131 9.61 -9.38 -26.38
C LEU B 131 9.59 -8.93 -24.91
N MET B 132 9.62 -9.89 -23.99
CA MET B 132 9.64 -9.49 -22.57
C MET B 132 10.84 -8.60 -22.26
N THR B 133 12.01 -8.92 -22.85
CA THR B 133 13.20 -8.05 -22.61
C THR B 133 12.98 -6.66 -23.19
N GLN B 134 12.40 -6.56 -24.40
CA GLN B 134 12.10 -5.24 -24.98
C GLN B 134 11.00 -4.50 -24.16
N PHE B 135 10.11 -5.28 -23.52
CA PHE B 135 9.10 -4.64 -22.69
C PHE B 135 9.74 -4.04 -21.45
N THR B 136 10.80 -4.65 -20.91
CA THR B 136 11.58 -3.98 -19.83
C THR B 136 12.13 -2.68 -20.30
N HIS B 137 12.64 -2.64 -21.53
CA HIS B 137 13.09 -1.37 -22.05
C HIS B 137 11.96 -0.36 -22.17
N PHE B 138 10.76 -0.77 -22.58
CA PHE B 138 9.67 0.16 -22.57
C PHE B 138 9.35 0.72 -21.15
N LEU B 139 9.39 -0.16 -20.18
CA LEU B 139 9.14 0.27 -18.82
C LEU B 139 10.19 1.29 -18.36
N ASN B 140 11.46 1.03 -18.63
CA ASN B 140 12.49 2.01 -18.28
C ASN B 140 12.21 3.31 -19.01
N TRP B 141 11.89 3.26 -20.32
CA TRP B 141 11.68 4.46 -21.11
C TRP B 141 10.51 5.29 -20.60
N ILE B 142 9.40 4.60 -20.27
CA ILE B 142 8.23 5.36 -19.86
C ILE B 142 8.40 5.96 -18.47
N PHE B 143 9.12 5.31 -17.56
CA PHE B 143 9.48 5.97 -16.29
C PHE B 143 10.41 7.14 -16.57
N ASP B 144 11.37 7.03 -17.49
CA ASP B 144 12.23 8.19 -17.78
C ASP B 144 11.37 9.32 -18.30
N TYR B 145 10.40 9.02 -19.17
CA TYR B 145 9.48 10.02 -19.69
C TYR B 145 8.67 10.71 -18.62
N THR B 146 8.15 9.93 -17.68
CA THR B 146 7.33 10.50 -16.61
C THR B 146 8.21 11.35 -15.66
N GLU B 147 9.45 10.96 -15.48
CA GLU B 147 10.40 11.76 -14.67
C GLU B 147 10.69 13.07 -15.36
N MET B 148 10.91 13.04 -16.66
CA MET B 148 11.32 14.26 -17.37
C MET B 148 10.16 15.23 -17.43
N THR B 149 8.94 14.70 -17.53
CA THR B 149 7.74 15.51 -17.59
C THR B 149 7.01 15.73 -16.26
N LYS B 150 7.55 15.25 -15.16
CA LYS B 150 6.99 15.52 -13.82
C LYS B 150 5.51 15.09 -13.65
N VAL B 151 5.19 13.92 -14.21
CA VAL B 151 3.92 13.29 -14.03
C VAL B 151 3.64 12.99 -12.54
N SER B 152 2.41 13.24 -12.09
CA SER B 152 2.09 13.06 -10.67
C SER B 152 1.97 11.60 -10.20
N SER B 153 1.43 10.75 -11.07
CA SER B 153 1.37 9.30 -10.82
C SER B 153 1.20 8.62 -12.11
N LEU B 154 1.43 7.30 -12.05
CA LEU B 154 1.19 6.43 -13.22
C LEU B 154 0.20 5.35 -12.88
N THR B 155 -0.64 5.00 -13.84
CA THR B 155 -1.47 3.83 -13.78
C THR B 155 -1.15 3.00 -15.02
N PHE B 156 -1.03 1.69 -14.89
CA PHE B 156 -0.81 0.81 -16.04
C PHE B 156 -1.97 -0.14 -16.16
N ALA B 157 -2.47 -0.35 -17.35
CA ALA B 157 -3.46 -1.39 -17.61
C ALA B 157 -3.00 -2.24 -18.78
N GLY B 158 -3.18 -3.53 -18.70
CA GLY B 158 -2.88 -4.38 -19.80
C GLY B 158 -4.08 -5.26 -20.11
N HIS B 159 -4.31 -5.57 -21.36
CA HIS B 159 -5.40 -6.44 -21.79
C HIS B 159 -4.88 -7.68 -22.39
C SEB B 160 -3.38 -10.41 -22.40
N SEB B 160 -5.28 -8.90 -21.91
CI2 SEB B 160 -4.64 -12.52 -29.52
CH2 SEB B 160 -4.85 -12.75 -28.17
CJ SEB B 160 -5.72 -12.49 -30.40
CI1 SEB B 160 -7.01 -12.70 -29.92
CH1 SEB B 160 -7.22 -12.93 -28.56
CZ SEB B 160 -6.14 -12.96 -27.69
CE SEB B 160 -6.36 -13.21 -26.22
OD2 SEB B 160 -4.37 -11.65 -26.21
OD1 SEB B 160 -4.37 -13.41 -24.66
SD SEB B 160 -5.19 -12.43 -25.33
OG SEB B 160 -5.85 -11.51 -24.29
CB SEB B 160 -5.28 -10.25 -23.99
CA SEB B 160 -4.86 -10.20 -22.53
O SEB B 160 -2.84 -10.26 -21.31
N ALA B 161 -2.74 -10.70 -23.52
CA ALA B 161 -1.28 -10.80 -23.57
C ALA B 161 -0.64 -9.55 -22.98
N GLY B 162 -1.34 -8.41 -23.07
CA GLY B 162 -0.76 -7.14 -22.50
C GLY B 162 -0.73 -7.15 -21.00
N ALA B 163 -1.74 -7.82 -20.44
CA ALA B 163 -1.70 -8.08 -19.00
C ALA B 163 -0.57 -8.96 -18.59
N HIS B 164 -0.37 -10.04 -19.38
CA HIS B 164 0.81 -10.84 -19.19
C HIS B 164 2.08 -10.06 -19.21
N LEU B 165 2.24 -9.21 -20.24
CA LEU B 165 3.48 -8.48 -20.32
C LEU B 165 3.67 -7.51 -19.15
N LEU B 166 2.56 -6.87 -18.72
CA LEU B 166 2.65 -5.92 -17.61
C LEU B 166 3.13 -6.56 -16.30
N ALA B 167 2.83 -7.87 -16.14
CA ALA B 167 3.15 -8.48 -14.83
C ALA B 167 4.60 -8.34 -14.48
N GLN B 168 5.50 -8.29 -15.47
CA GLN B 168 6.89 -8.14 -15.12
C GLN B 168 7.24 -6.87 -14.32
N ILE B 169 6.34 -5.87 -14.32
CA ILE B 169 6.70 -4.63 -13.64
C ILE B 169 6.93 -4.92 -12.15
N LEU B 170 6.34 -5.99 -11.64
CA LEU B 170 6.54 -6.36 -10.17
C LEU B 170 7.84 -7.08 -9.90
N MET B 171 8.60 -7.46 -10.95
CA MET B 171 9.83 -8.24 -10.77
C MET B 171 10.99 -7.83 -11.65
N ARG B 172 11.12 -6.54 -11.87
CA ARG B 172 12.32 -5.99 -12.58
C ARG B 172 12.97 -4.87 -11.80
N PRO B 173 13.42 -5.17 -10.55
CA PRO B 173 13.85 -4.08 -9.63
C PRO B 173 15.10 -3.32 -10.03
N ASN B 174 15.90 -3.85 -10.92
CA ASN B 174 17.03 -3.06 -11.40
C ASN B 174 16.58 -1.92 -12.33
N VAL B 175 15.34 -2.00 -12.87
CA VAL B 175 14.79 -0.92 -13.69
C VAL B 175 13.69 -0.20 -12.93
N ILE B 176 12.82 -0.99 -12.29
CA ILE B 176 11.72 -0.44 -11.48
C ILE B 176 12.25 -0.35 -10.05
N THR B 177 12.77 0.81 -9.74
CA THR B 177 13.35 1.07 -8.40
C THR B 177 12.22 1.29 -7.43
N ALA B 178 12.55 1.35 -6.16
CA ALA B 178 11.51 1.58 -5.17
C ALA B 178 10.85 2.97 -5.40
N GLN B 179 11.65 3.96 -5.79
CA GLN B 179 11.22 5.30 -6.18
C GLN B 179 10.13 5.22 -7.29
N ARG B 180 10.41 4.39 -8.30
CA ARG B 180 9.50 4.28 -9.39
C ARG B 180 8.24 3.53 -8.96
N SER B 181 8.37 2.43 -8.21
CA SER B 181 7.23 1.72 -7.73
C SER B 181 6.26 2.67 -7.03
N LYS B 182 6.80 3.59 -6.22
CA LYS B 182 5.85 4.37 -5.38
C LYS B 182 5.09 5.39 -6.19
N MET B 183 5.51 5.64 -7.44
CA MET B 183 4.74 6.49 -8.35
C MET B 183 3.55 5.82 -8.96
N VAL B 184 3.45 4.50 -8.78
CA VAL B 184 2.36 3.74 -9.42
C VAL B 184 1.11 3.72 -8.57
N TRP B 185 0.06 4.40 -9.07
CA TRP B 185 -1.23 4.40 -8.36
C TRP B 185 -1.96 3.07 -8.44
N ALA B 186 -1.98 2.45 -9.65
CA ALA B 186 -2.72 1.26 -9.85
C ALA B 186 -2.17 0.45 -11.00
N LEU B 187 -2.32 -0.86 -10.89
CA LEU B 187 -2.06 -1.84 -11.95
C LEU B 187 -3.32 -2.55 -12.21
N ILE B 188 -3.72 -2.58 -13.48
CA ILE B 188 -5.00 -3.16 -13.90
C ILE B 188 -4.77 -4.25 -14.93
N PHE B 189 -5.11 -5.46 -14.60
CA PHE B 189 -4.83 -6.66 -15.45
C PHE B 189 -6.15 -7.13 -16.00
N LEU B 190 -6.43 -6.83 -17.23
CA LEU B 190 -7.76 -7.10 -17.82
C LEU B 190 -7.71 -8.35 -18.67
N CYS B 191 -8.34 -9.42 -18.22
CA CYS B 191 -8.50 -10.65 -19.01
C CYS B 191 -7.16 -11.28 -19.44
N GLY B 192 -6.21 -11.29 -18.53
CA GLY B 192 -4.83 -11.76 -18.77
C GLY B 192 -4.75 -13.28 -18.84
N VAL B 193 -3.56 -13.72 -19.30
CA VAL B 193 -3.13 -15.10 -19.22
C VAL B 193 -1.76 -15.13 -18.56
N TYR B 194 -1.61 -16.01 -17.55
CA TYR B 194 -0.45 -15.93 -16.67
C TYR B 194 0.35 -17.23 -16.53
N ASP B 195 -0.24 -18.35 -16.93
CA ASP B 195 0.45 -19.65 -16.93
C ASP B 195 0.38 -20.16 -18.34
N LEU B 196 1.59 -20.24 -18.92
CA LEU B 196 1.73 -20.51 -20.36
C LEU B 196 1.99 -22.01 -20.59
N ARG B 197 1.93 -22.83 -19.54
CA ARG B 197 2.34 -24.26 -19.74
C ARG B 197 1.45 -25.01 -20.68
N GLU B 198 0.15 -24.80 -20.68
CA GLU B 198 -0.66 -25.56 -21.60
C GLU B 198 -0.64 -24.97 -23.01
N LEU B 199 -0.72 -23.66 -23.13
CA LEU B 199 -0.82 -23.03 -24.43
C LEU B 199 0.49 -23.16 -25.20
N SER B 200 1.61 -23.33 -24.50
CA SER B 200 2.87 -23.43 -25.22
C SER B 200 2.86 -24.67 -26.13
N ASN B 201 2.07 -25.68 -25.82
CA ASN B 201 2.02 -26.88 -26.63
C ASN B 201 0.84 -26.91 -27.62
N LEU B 202 0.10 -25.81 -27.77
CA LEU B 202 -0.98 -25.71 -28.73
C LEU B 202 -0.55 -25.09 -30.04
N GLU B 203 -0.75 -25.81 -31.14
CA GLU B 203 -0.49 -25.26 -32.48
C GLU B 203 -1.41 -24.08 -32.76
N SER B 204 -2.57 -23.98 -32.13
CA SER B 204 -3.50 -22.91 -32.35
C SER B 204 -2.98 -21.60 -31.80
N VAL B 205 -2.54 -21.61 -30.56
CA VAL B 205 -2.05 -20.38 -29.92
C VAL B 205 -0.59 -20.13 -30.27
N ASN B 206 0.22 -21.19 -30.38
CA ASN B 206 1.66 -21.05 -30.51
C ASN B 206 2.11 -21.82 -31.79
N PRO B 207 1.61 -21.38 -32.98
CA PRO B 207 1.87 -22.13 -34.21
C PRO B 207 3.37 -22.20 -34.44
N LYS B 208 3.85 -23.38 -34.75
CA LYS B 208 5.24 -23.64 -35.04
C LYS B 208 6.21 -23.15 -34.00
N ASN B 209 5.70 -23.07 -32.77
CA ASN B 209 6.48 -22.52 -31.66
C ASN B 209 7.05 -21.10 -31.93
N ILE B 210 6.26 -20.26 -32.59
CA ILE B 210 6.68 -18.86 -32.82
C ILE B 210 6.96 -18.12 -31.51
N LEU B 211 6.39 -18.57 -30.39
CA LEU B 211 6.70 -17.89 -29.14
C LEU B 211 8.07 -18.27 -28.59
N GLY B 212 8.67 -19.35 -29.12
CA GLY B 212 9.98 -19.74 -28.68
C GLY B 212 10.08 -20.36 -27.29
N LEU B 213 9.10 -21.20 -26.95
CA LEU B 213 9.00 -21.75 -25.59
C LEU B 213 9.50 -23.18 -25.52
N ASN B 214 9.94 -23.52 -24.33
CA ASN B 214 10.42 -24.90 -24.05
C ASN B 214 10.39 -25.13 -22.56
N GLU B 215 10.74 -26.33 -22.13
CA GLU B 215 10.69 -26.59 -20.67
C GLU B 215 11.61 -25.72 -19.85
N ARG B 216 12.70 -25.22 -20.47
CA ARG B 216 13.67 -24.40 -19.74
C ARG B 216 13.24 -22.95 -19.48
N ASN B 217 12.34 -22.42 -20.33
CA ASN B 217 11.94 -21.02 -20.15
C ASN B 217 10.47 -20.89 -19.84
N ILE B 218 9.75 -21.99 -19.64
CA ILE B 218 8.29 -21.87 -19.47
C ILE B 218 7.93 -21.13 -18.16
N GLU B 219 8.68 -21.36 -17.10
CA GLU B 219 8.40 -20.61 -15.87
C GLU B 219 8.74 -19.17 -16.03
N SER B 220 9.84 -18.85 -16.72
CA SER B 220 10.23 -17.46 -16.85
C SER B 220 9.17 -16.64 -17.58
N VAL B 221 8.44 -17.29 -18.50
CA VAL B 221 7.43 -16.55 -19.24
C VAL B 221 6.03 -16.66 -18.61
N SER B 222 5.92 -17.26 -17.42
CA SER B 222 4.62 -17.48 -16.77
C SER B 222 4.51 -16.73 -15.42
N PRO B 223 3.99 -15.52 -15.40
CA PRO B 223 3.84 -14.75 -14.11
C PRO B 223 3.11 -15.53 -13.02
N MET B 224 2.23 -16.46 -13.40
CA MET B 224 1.62 -17.33 -12.33
C MET B 224 2.69 -18.00 -11.44
N LEU B 225 3.86 -18.30 -11.98
CA LEU B 225 4.75 -19.28 -11.36
C LEU B 225 5.92 -18.60 -10.71
N TRP B 226 5.99 -17.25 -10.75
CA TRP B 226 7.17 -16.57 -10.28
C TRP B 226 7.24 -16.52 -8.76
N GLU B 227 8.48 -16.38 -8.29
CA GLU B 227 8.73 -16.14 -6.86
C GLU B 227 8.81 -14.64 -6.56
N TYR B 228 7.66 -14.04 -6.31
CA TYR B 228 7.54 -12.56 -6.07
C TYR B 228 8.33 -12.15 -4.81
N THR B 229 9.17 -11.14 -4.94
CA THR B 229 9.90 -10.61 -3.74
C THR B 229 9.74 -9.09 -3.71
N ASP B 230 10.17 -8.46 -2.61
CA ASP B 230 10.10 -6.97 -2.52
C ASP B 230 8.69 -6.45 -2.55
N VAL B 231 7.73 -7.24 -2.13
CA VAL B 231 6.33 -6.94 -2.25
C VAL B 231 5.97 -5.59 -1.58
N THR B 232 6.63 -5.26 -0.48
CA THR B 232 6.23 -4.04 0.26
C THR B 232 6.57 -2.73 -0.40
N VAL B 233 7.43 -2.74 -1.42
CA VAL B 233 7.69 -1.49 -2.22
C VAL B 233 6.36 -1.12 -2.97
N TRP B 234 5.46 -2.07 -3.08
CA TRP B 234 4.19 -1.90 -3.80
C TRP B 234 3.05 -1.59 -2.87
N ASN B 235 3.39 -1.32 -1.60
CA ASN B 235 2.35 -0.96 -0.64
C ASN B 235 1.52 0.32 -1.01
N SER B 236 2.07 1.20 -1.83
CA SER B 236 1.37 2.44 -2.24
C SER B 236 0.64 2.20 -3.56
N THR B 237 0.42 0.91 -3.98
CA THR B 237 -0.22 0.57 -5.32
C THR B 237 -1.36 -0.40 -5.26
N LYS B 238 -2.52 -0.08 -5.84
CA LYS B 238 -3.72 -0.96 -5.85
C LYS B 238 -3.60 -1.86 -7.08
N ILE B 239 -3.88 -3.17 -6.96
CA ILE B 239 -3.76 -4.06 -8.12
C ILE B 239 -5.14 -4.68 -8.37
N TYR B 240 -5.65 -4.56 -9.58
CA TYR B 240 -6.99 -5.04 -9.91
C TYR B 240 -6.82 -6.16 -10.96
N VAL B 241 -7.17 -7.38 -10.67
CA VAL B 241 -7.13 -8.49 -11.64
C VAL B 241 -8.57 -8.65 -12.06
N VAL B 242 -8.88 -8.52 -13.33
CA VAL B 242 -10.22 -8.49 -13.81
C VAL B 242 -10.43 -9.59 -14.87
N ALA B 243 -11.54 -10.31 -14.81
CA ALA B 243 -11.96 -11.25 -15.81
C ALA B 243 -13.30 -10.88 -16.35
N ALA B 244 -13.67 -11.34 -17.51
CA ALA B 244 -14.96 -11.12 -18.07
C ALA B 244 -15.88 -12.33 -17.86
N GLU B 245 -17.13 -12.08 -17.47
CA GLU B 245 -18.04 -13.21 -17.17
C GLU B 245 -18.16 -14.18 -18.31
N HIS B 246 -18.23 -13.67 -19.54
CA HIS B 246 -18.48 -14.52 -20.75
C HIS B 246 -17.27 -15.27 -21.29
N ASP B 247 -16.12 -14.98 -20.71
CA ASP B 247 -14.86 -15.55 -21.26
C ASP B 247 -14.79 -17.07 -21.03
N SER B 248 -13.79 -17.75 -21.55
CA SER B 248 -13.67 -19.18 -21.26
C SER B 248 -13.38 -19.47 -19.79
N THR B 249 -13.77 -20.65 -19.32
CA THR B 249 -13.51 -21.00 -17.95
C THR B 249 -12.01 -20.94 -17.65
N THR B 250 -11.18 -21.37 -18.61
CA THR B 250 -9.72 -21.32 -18.43
C THR B 250 -9.26 -19.86 -18.25
N PHE B 251 -9.75 -18.92 -19.07
CA PHE B 251 -9.37 -17.50 -18.82
C PHE B 251 -9.84 -16.98 -17.49
N ILE B 252 -11.10 -17.32 -17.14
CA ILE B 252 -11.63 -16.73 -15.89
C ILE B 252 -10.79 -17.32 -14.73
N GLU B 253 -10.57 -18.64 -14.78
CA GLU B 253 -9.79 -19.24 -13.73
C GLU B 253 -8.34 -18.84 -13.61
N GLN B 254 -7.72 -18.58 -14.77
CA GLN B 254 -6.37 -18.08 -14.75
C GLN B 254 -6.31 -16.71 -14.00
N SER B 255 -7.29 -15.87 -14.26
CA SER B 255 -7.39 -14.60 -13.50
C SER B 255 -7.68 -14.82 -12.00
N ARG B 256 -8.62 -15.74 -11.69
CA ARG B 256 -8.87 -16.04 -10.25
C ARG B 256 -7.63 -16.55 -9.56
N HIS B 257 -6.91 -17.49 -10.16
CA HIS B 257 -5.71 -18.01 -9.57
C HIS B 257 -4.59 -16.95 -9.45
N TYR B 258 -4.43 -16.13 -10.49
CA TYR B 258 -3.42 -15.12 -10.42
C TYR B 258 -3.67 -14.09 -9.31
N ALA B 259 -4.90 -13.67 -9.19
CA ALA B 259 -5.30 -12.72 -8.07
C ALA B 259 -4.95 -13.39 -6.74
N ASP B 260 -5.26 -14.71 -6.63
CA ASP B 260 -4.91 -15.41 -5.39
C ASP B 260 -3.37 -15.49 -5.19
N VAL B 261 -2.55 -15.73 -6.24
CA VAL B 261 -1.10 -15.70 -6.09
C VAL B 261 -0.65 -14.36 -5.52
N LEU B 262 -1.10 -13.27 -6.13
CA LEU B 262 -0.63 -11.99 -5.72
C LEU B 262 -1.09 -11.66 -4.30
N ARG B 263 -2.34 -11.96 -4.00
CA ARG B 263 -2.87 -11.69 -2.62
C ARG B 263 -2.06 -12.47 -1.62
N LYS B 264 -1.77 -13.73 -1.91
CA LYS B 264 -1.00 -14.52 -0.93
C LYS B 264 0.38 -13.99 -0.70
N LYS B 265 1.00 -13.37 -1.70
CA LYS B 265 2.32 -12.78 -1.53
C LYS B 265 2.31 -11.42 -0.78
N GLY B 266 1.15 -10.83 -0.69
CA GLY B 266 0.99 -9.57 0.07
C GLY B 266 0.68 -8.34 -0.73
N TYR B 267 0.42 -8.51 -2.00
CA TYR B 267 0.01 -7.33 -2.79
C TYR B 267 -1.41 -6.92 -2.48
N LYS B 268 -1.71 -5.63 -2.75
CA LYS B 268 -3.07 -5.13 -2.59
C LYS B 268 -3.90 -5.48 -3.79
N ALA B 269 -4.16 -6.77 -3.96
CA ALA B 269 -4.73 -7.30 -5.18
C ALA B 269 -6.12 -7.78 -4.98
N SER B 270 -6.99 -7.47 -5.86
CA SER B 270 -8.35 -7.94 -5.84
C SER B 270 -8.72 -8.67 -7.10
N PHE B 271 -9.77 -9.45 -7.07
CA PHE B 271 -10.37 -10.13 -8.22
C PHE B 271 -11.75 -9.65 -8.49
N THR B 272 -12.09 -9.29 -9.73
CA THR B 272 -13.41 -8.86 -10.15
C THR B 272 -13.83 -9.67 -11.36
N LEU B 273 -14.99 -10.29 -11.36
CA LEU B 273 -15.57 -10.94 -12.52
C LEU B 273 -16.61 -10.00 -13.07
N PHE B 274 -16.36 -9.45 -14.24
CA PHE B 274 -17.17 -8.37 -14.73
C PHE B 274 -18.42 -8.90 -15.43
N LYS B 275 -19.59 -8.74 -14.76
CA LYS B 275 -20.83 -9.28 -15.27
C LYS B 275 -21.19 -8.82 -16.66
N GLY B 276 -21.56 -9.75 -17.53
CA GLY B 276 -22.15 -9.47 -18.82
C GLY B 276 -21.17 -9.12 -19.94
N TYR B 277 -19.88 -9.04 -19.57
CA TYR B 277 -18.82 -8.70 -20.58
C TYR B 277 -18.22 -9.98 -21.17
N ASP B 278 -17.77 -9.85 -22.43
CA ASP B 278 -16.80 -10.87 -22.96
C ASP B 278 -15.41 -10.26 -23.08
N HIS B 279 -14.45 -11.03 -23.57
CA HIS B 279 -13.02 -10.61 -23.53
C HIS B 279 -12.74 -9.37 -24.39
N PHE B 280 -13.69 -9.04 -25.29
CA PHE B 280 -13.45 -8.02 -26.29
C PHE B 280 -14.28 -6.77 -25.99
N ASP B 281 -15.57 -6.92 -25.65
CA ASP B 281 -16.31 -5.70 -25.33
C ASP B 281 -15.91 -5.06 -23.99
N ILE B 282 -15.11 -5.75 -23.15
CA ILE B 282 -14.57 -5.15 -21.97
C ILE B 282 -13.61 -4.02 -22.38
N ILE B 283 -13.00 -4.12 -23.56
CA ILE B 283 -12.24 -3.02 -24.10
C ILE B 283 -13.08 -2.14 -25.02
N GLU B 284 -13.94 -2.67 -25.90
CA GLU B 284 -14.69 -1.78 -26.79
C GLU B 284 -15.48 -0.72 -25.95
N GLU B 285 -16.09 -1.14 -24.80
CA GLU B 285 -16.91 -0.19 -24.04
C GLU B 285 -16.11 0.81 -23.25
N THR B 286 -14.75 0.72 -23.23
CA THR B 286 -13.99 1.78 -22.58
C THR B 286 -14.01 3.11 -23.35
N ALA B 287 -14.57 3.13 -24.56
CA ALA B 287 -14.73 4.37 -25.34
C ALA B 287 -15.96 5.11 -24.88
N ILE B 288 -16.76 4.49 -24.04
CA ILE B 288 -18.08 5.09 -23.67
C ILE B 288 -17.98 5.49 -22.25
N ASP B 289 -18.01 6.81 -21.96
CA ASP B 289 -17.69 7.29 -20.62
C ASP B 289 -18.54 6.70 -19.48
N ASP B 290 -19.80 6.42 -19.80
CA ASP B 290 -20.74 5.94 -18.75
C ASP B 290 -20.92 4.43 -18.78
N SER B 291 -20.15 3.68 -19.55
CA SER B 291 -20.25 2.23 -19.51
C SER B 291 -19.78 1.68 -18.13
N ASP B 292 -20.20 0.44 -17.84
CA ASP B 292 -19.74 -0.17 -16.60
C ASP B 292 -18.22 -0.24 -16.43
N VAL B 293 -17.51 -0.65 -17.52
CA VAL B 293 -16.07 -0.72 -17.43
C VAL B 293 -15.45 0.67 -17.32
N SER B 294 -15.97 1.67 -18.06
CA SER B 294 -15.41 3.02 -17.88
C SER B 294 -15.59 3.57 -16.50
N ARG B 295 -16.75 3.26 -15.89
CA ARG B 295 -16.99 3.72 -14.54
C ARG B 295 -16.14 3.03 -13.50
N PHE B 296 -15.88 1.74 -13.76
CA PHE B 296 -14.91 1.04 -12.93
C PHE B 296 -13.53 1.70 -12.93
N LEU B 297 -13.04 2.03 -14.15
CA LEU B 297 -11.73 2.67 -14.23
C LEU B 297 -11.78 3.99 -13.52
N ARG B 298 -12.89 4.73 -13.70
CA ARG B 298 -13.03 6.04 -12.99
C ARG B 298 -12.96 5.84 -11.47
N ASN B 299 -13.64 4.81 -10.97
CA ASN B 299 -13.70 4.65 -9.49
C ASN B 299 -12.33 4.28 -8.91
N ILE B 300 -11.44 3.66 -9.73
CA ILE B 300 -10.04 3.47 -9.29
C ILE B 300 -9.31 4.75 -8.95
N GLU B 301 -9.76 5.86 -9.59
CA GLU B 301 -9.12 7.17 -9.41
C GLU B 301 -9.58 7.92 -8.17
N ILE B 302 -10.59 7.37 -7.48
CA ILE B 302 -11.13 8.08 -6.32
C ILE B 302 -10.06 8.19 -5.22
N GLU B 303 -9.79 9.45 -4.81
CA GLU B 303 -8.74 9.76 -3.79
C GLU B 303 -9.36 10.02 -2.39
C1 EDO C . -6.57 -10.39 30.79
O1 EDO C . -7.28 -10.44 32.03
C2 EDO C . -6.09 -9.00 30.40
O2 EDO C . -5.58 -9.07 29.07
C1 EDO D . 6.74 17.74 10.34
O1 EDO D . 5.83 18.54 9.59
C2 EDO D . 7.39 16.87 9.30
O2 EDO D . 8.18 17.83 8.56
C1 EDO E . 0.44 -17.63 16.42
O1 EDO E . 0.44 -19.02 16.88
C2 EDO E . -0.74 -17.18 15.60
O2 EDO E . -1.04 -18.20 14.59
C1 EDO F . 6.37 2.06 28.26
O1 EDO F . 5.11 1.48 28.45
C2 EDO F . 6.61 3.00 27.09
O2 EDO F . 5.94 2.74 25.82
C1 EDO G . -6.61 -4.24 -28.71
O1 EDO G . -5.26 -4.41 -29.08
C2 EDO G . -6.73 -4.25 -27.21
O2 EDO G . -5.93 -5.20 -26.47
#